data_1HG9
#
_entry.id   1HG9
#
_cell.length_a   1.000
_cell.length_b   1.000
_cell.length_c   1.000
_cell.angle_alpha   90.00
_cell.angle_beta   90.00
_cell.angle_gamma   90.00
#
_symmetry.space_group_name_H-M   'P 1'
#
loop_
_entity.id
_entity.type
_entity.pdbx_description
1 polymer '5- D(*CP*TP*GP*AP*TP*AP*TP*GP*C) -3'
2 polymer '5- R(*GP*CP*AP*UP*AP*UP*CP*AP*G) -3'
#
loop_
_entity_poly.entity_id
_entity_poly.type
_entity_poly.pdbx_seq_one_letter_code
_entity_poly.pdbx_strand_id
1 'polydeoxyribonucleotide' (DC)(DT)(DG)(DA)(DT)(DA)(DT)(DG)(DC) A
2 'polyribonucleotide' GCAUAUCAG B
#